data_7SUU
#
_entry.id   7SUU
#
_cell.length_a   80.237
_cell.length_b   88.488
_cell.length_c   206.783
_cell.angle_alpha   90.000
_cell.angle_beta   90.000
_cell.angle_gamma   90.000
#
_symmetry.space_group_name_H-M   'C 2 2 21'
#
loop_
_entity.id
_entity.type
_entity.pdbx_description
1 polymer Cadherin-23
2 non-polymer 'CALCIUM ION'
3 non-polymer 'POTASSIUM ION'
4 non-polymer 'CHLORIDE ION'
5 water water
#
_entity_poly.entity_id   1
_entity_poly.type   'polypeptide(L)'
_entity_poly.pdbx_seq_one_letter_code
;MASDVNDNRPVFVRPPNGTILHIKEEIPLRSNVYEVYATDNDEGLNGAVRYSFLKTTGNRDWEYFTIDPISGLIQTAQRL
DREKQAVYSLILVASDLGQPVPYETMQPLQVALEDIDDNEPLFVRPPKGSPQYQLLTVPEHSPRGTLVGNVTGAVDADEG
PNAIVYYFIAAGDEDKNFHLQPDGRLLVLRDLDRETEATFSFIVKASSNRSWTPPRGPSPALDLLTDLTLQEVRVVLEDI
NDQLEHHHHHH
;
_entity_poly.pdbx_strand_id   A,B
#
loop_
_chem_comp.id
_chem_comp.type
_chem_comp.name
_chem_comp.formula
CA non-polymer 'CALCIUM ION' 'Ca 2'
CL non-polymer 'CHLORIDE ION' 'Cl -1'
K non-polymer 'POTASSIUM ION' 'K 1'
#
# COMPACT_ATOMS: atom_id res chain seq x y z
N VAL A 5 12.26 -39.59 8.41
CA VAL A 5 13.23 -38.97 7.44
C VAL A 5 12.42 -38.15 6.42
N ASN A 6 12.99 -37.03 5.94
CA ASN A 6 12.32 -36.01 5.09
C ASN A 6 12.63 -36.33 3.62
N ASP A 7 11.82 -37.18 2.99
CA ASP A 7 12.11 -37.80 1.66
C ASP A 7 11.83 -36.81 0.53
N ASN A 8 10.69 -36.10 0.61
CA ASN A 8 10.10 -35.26 -0.46
C ASN A 8 10.32 -33.76 -0.17
N ARG A 9 10.54 -33.01 -1.24
CA ARG A 9 10.59 -31.54 -1.30
C ARG A 9 9.19 -31.06 -1.68
N PRO A 10 8.67 -29.89 -1.22
CA PRO A 10 7.39 -29.36 -1.71
C PRO A 10 7.41 -29.05 -3.20
N VAL A 11 6.28 -29.26 -3.86
CA VAL A 11 6.11 -29.09 -5.33
C VAL A 11 5.01 -28.05 -5.56
N PHE A 12 5.29 -26.96 -6.25
CA PHE A 12 4.24 -25.97 -6.54
C PHE A 12 3.19 -26.64 -7.41
N VAL A 13 1.94 -26.40 -7.10
CA VAL A 13 0.78 -26.77 -7.96
C VAL A 13 0.22 -25.51 -8.62
N ARG A 14 0.02 -24.43 -7.85
N ARG A 14 -0.02 -24.44 -7.83
CA ARG A 14 -0.32 -23.13 -8.47
CA ARG A 14 -0.46 -23.11 -8.34
C ARG A 14 0.45 -22.02 -7.76
C ARG A 14 0.46 -22.03 -7.74
N PRO A 15 0.87 -20.97 -8.49
CA PRO A 15 0.58 -20.85 -9.92
C PRO A 15 1.56 -21.67 -10.75
N PRO A 16 1.31 -21.85 -12.07
CA PRO A 16 2.29 -22.49 -12.97
C PRO A 16 3.59 -21.67 -13.10
N ASN A 17 4.77 -22.26 -13.35
CA ASN A 17 6.02 -21.45 -13.39
C ASN A 17 5.87 -20.46 -14.57
N GLY A 18 6.32 -19.22 -14.38
CA GLY A 18 6.38 -18.20 -15.43
C GLY A 18 5.06 -17.49 -15.71
N THR A 19 3.97 -17.83 -15.01
CA THR A 19 2.67 -17.14 -15.22
C THR A 19 2.81 -15.69 -14.75
N ILE A 20 2.28 -14.81 -15.58
CA ILE A 20 2.10 -13.37 -15.27
C ILE A 20 0.65 -13.22 -14.81
N LEU A 21 0.47 -12.88 -13.55
CA LEU A 21 -0.82 -12.55 -12.93
C LEU A 21 -1.20 -11.11 -13.30
N HIS A 22 -2.42 -10.91 -13.77
CA HIS A 22 -3.00 -9.60 -14.13
C HIS A 22 -4.07 -9.27 -13.09
N ILE A 23 -3.86 -8.19 -12.34
CA ILE A 23 -4.88 -7.58 -11.42
C ILE A 23 -5.03 -6.12 -11.81
N LYS A 24 -6.18 -5.55 -11.45
CA LYS A 24 -6.48 -4.09 -11.63
C LYS A 24 -5.53 -3.33 -10.70
N GLU A 25 -5.08 -2.16 -11.14
CA GLU A 25 -4.36 -1.20 -10.27
C GLU A 25 -5.38 -0.58 -9.27
N GLU A 26 -4.87 0.05 -8.21
CA GLU A 26 -5.63 0.86 -7.22
C GLU A 26 -6.66 0.03 -6.45
N ILE A 27 -6.58 -1.30 -6.47
CA ILE A 27 -7.42 -2.11 -5.56
C ILE A 27 -7.02 -1.79 -4.12
N PRO A 28 -8.02 -1.80 -3.21
CA PRO A 28 -7.79 -1.39 -1.83
C PRO A 28 -6.85 -2.33 -1.06
N LEU A 29 -6.32 -1.82 0.05
CA LEU A 29 -5.51 -2.60 1.01
C LEU A 29 -6.17 -3.92 1.38
N ARG A 30 -5.35 -4.96 1.46
CA ARG A 30 -5.68 -6.35 1.89
C ARG A 30 -6.63 -6.98 0.87
N SER A 31 -6.71 -6.49 -0.37
CA SER A 31 -7.44 -7.19 -1.46
C SER A 31 -6.76 -8.54 -1.70
N ASN A 32 -7.54 -9.56 -2.05
CA ASN A 32 -7.05 -10.92 -2.39
C ASN A 32 -6.50 -10.93 -3.81
N VAL A 33 -5.30 -11.46 -3.99
CA VAL A 33 -4.51 -11.45 -5.25
C VAL A 33 -4.47 -12.88 -5.80
N TYR A 34 -4.06 -13.84 -5.00
CA TYR A 34 -3.87 -15.23 -5.47
C TYR A 34 -3.76 -16.19 -4.29
N GLU A 35 -4.21 -17.43 -4.49
CA GLU A 35 -4.09 -18.57 -3.55
C GLU A 35 -2.94 -19.46 -4.02
N VAL A 36 -1.78 -19.33 -3.40
CA VAL A 36 -0.60 -20.17 -3.71
C VAL A 36 -0.85 -21.55 -3.09
N TYR A 37 -0.46 -22.64 -3.76
CA TYR A 37 -0.64 -24.03 -3.30
C TYR A 37 0.53 -24.88 -3.77
N ALA A 38 1.21 -25.51 -2.81
CA ALA A 38 2.26 -26.52 -3.03
C ALA A 38 1.96 -27.69 -2.09
N THR A 39 2.34 -28.91 -2.48
CA THR A 39 2.06 -30.18 -1.76
C THR A 39 3.39 -30.83 -1.35
N ASP A 40 3.39 -31.56 -0.26
CA ASP A 40 4.53 -32.37 0.21
C ASP A 40 3.91 -33.67 0.79
N ASN A 41 4.32 -34.81 0.28
CA ASN A 41 3.67 -36.12 0.54
C ASN A 41 4.38 -36.81 1.72
N ASP A 42 5.19 -36.09 2.50
CA ASP A 42 5.89 -36.68 3.67
C ASP A 42 4.98 -36.71 4.89
N GLU A 43 5.35 -37.52 5.88
CA GLU A 43 4.60 -37.80 7.14
C GLU A 43 4.77 -36.62 8.11
N GLY A 44 3.66 -36.10 8.63
CA GLY A 44 3.63 -35.06 9.69
C GLY A 44 4.36 -33.80 9.27
N LEU A 45 5.35 -33.36 10.06
CA LEU A 45 6.02 -32.02 9.93
C LEU A 45 6.90 -31.94 8.67
N ASN A 46 7.61 -33.02 8.34
CA ASN A 46 8.32 -33.19 7.05
C ASN A 46 7.38 -32.92 5.86
N GLY A 47 6.06 -32.98 6.03
CA GLY A 47 5.06 -32.75 4.97
C GLY A 47 4.11 -31.60 5.27
N ALA A 48 4.36 -30.79 6.30
CA ALA A 48 3.60 -29.53 6.53
C ALA A 48 4.18 -28.43 5.64
N VAL A 49 3.37 -27.70 4.88
CA VAL A 49 3.89 -26.65 3.96
C VAL A 49 3.64 -25.26 4.58
N ARG A 50 4.67 -24.41 4.50
CA ARG A 50 4.61 -22.96 4.87
C ARG A 50 5.08 -22.08 3.72
N TYR A 51 4.34 -21.01 3.48
CA TYR A 51 4.53 -20.08 2.32
C TYR A 51 5.24 -18.81 2.84
N SER A 52 6.08 -18.22 1.98
CA SER A 52 6.83 -16.95 2.18
C SER A 52 7.21 -16.36 0.81
N PHE A 53 7.55 -15.08 0.79
CA PHE A 53 8.32 -14.42 -0.27
C PHE A 53 9.81 -14.54 0.07
N LEU A 54 10.65 -14.64 -0.93
CA LEU A 54 12.11 -14.49 -0.73
C LEU A 54 12.45 -12.99 -0.63
N LYS A 55 13.13 -12.56 0.45
CA LYS A 55 13.34 -11.13 0.75
C LYS A 55 14.82 -10.77 0.71
N THR A 56 15.69 -11.68 0.27
CA THR A 56 17.16 -11.52 0.33
C THR A 56 17.75 -11.08 -1.02
N THR A 57 16.95 -10.90 -2.09
CA THR A 57 17.46 -10.39 -3.39
C THR A 57 17.55 -8.86 -3.26
N GLY A 58 18.06 -8.17 -4.26
CA GLY A 58 17.90 -6.70 -4.26
C GLY A 58 16.48 -6.24 -4.61
N ASN A 59 15.57 -7.13 -5.00
CA ASN A 59 14.23 -6.70 -5.49
C ASN A 59 13.22 -6.68 -4.34
N ARG A 60 12.72 -5.50 -3.99
CA ARG A 60 11.87 -5.24 -2.80
C ARG A 60 10.39 -5.11 -3.17
N ASP A 61 9.97 -5.68 -4.31
CA ASP A 61 8.56 -5.67 -4.77
C ASP A 61 7.68 -6.41 -3.74
N TRP A 62 8.29 -7.27 -2.91
CA TRP A 62 7.57 -8.01 -1.84
C TRP A 62 6.90 -7.05 -0.85
N GLU A 63 7.37 -5.80 -0.76
CA GLU A 63 6.78 -4.81 0.19
C GLU A 63 5.34 -4.49 -0.16
N TYR A 64 4.89 -4.73 -1.38
CA TYR A 64 3.54 -4.33 -1.83
C TYR A 64 2.50 -5.39 -1.45
N PHE A 65 2.94 -6.54 -0.93
CA PHE A 65 2.11 -7.76 -0.76
C PHE A 65 2.40 -8.42 0.59
N THR A 66 1.46 -9.22 1.10
CA THR A 66 1.70 -10.22 2.19
C THR A 66 1.32 -11.59 1.62
N ILE A 67 1.92 -12.65 2.15
CA ILE A 67 1.47 -14.05 1.91
C ILE A 67 1.27 -14.73 3.26
N ASP A 68 0.08 -15.27 3.45
CA ASP A 68 -0.24 -16.03 4.68
C ASP A 68 0.59 -17.31 4.68
N PRO A 69 1.39 -17.56 5.73
CA PRO A 69 2.25 -18.75 5.79
C PRO A 69 1.49 -20.08 5.72
N ILE A 70 0.25 -20.14 6.23
CA ILE A 70 -0.58 -21.37 6.27
C ILE A 70 -1.43 -21.49 5.02
N SER A 71 -2.23 -20.49 4.68
CA SER A 71 -3.25 -20.61 3.61
C SER A 71 -2.67 -20.31 2.23
N GLY A 72 -1.48 -19.70 2.14
CA GLY A 72 -0.90 -19.34 0.83
C GLY A 72 -1.57 -18.14 0.18
N LEU A 73 -2.51 -17.47 0.86
CA LEU A 73 -3.20 -16.28 0.31
C LEU A 73 -2.22 -15.11 0.24
N ILE A 74 -2.08 -14.55 -0.96
CA ILE A 74 -1.40 -13.26 -1.21
C ILE A 74 -2.45 -12.15 -1.20
N GLN A 75 -2.19 -11.12 -0.41
CA GLN A 75 -3.03 -9.90 -0.32
C GLN A 75 -2.15 -8.69 -0.59
N THR A 76 -2.75 -7.56 -0.96
CA THR A 76 -2.00 -6.29 -1.13
C THR A 76 -1.69 -5.76 0.27
N ALA A 77 -0.53 -5.16 0.42
CA ALA A 77 -0.06 -4.50 1.65
C ALA A 77 0.07 -2.99 1.45
N GLN A 78 0.14 -2.49 0.21
CA GLN A 78 0.31 -1.04 -0.08
C GLN A 78 -0.48 -0.67 -1.33
N ARG A 79 -0.54 0.61 -1.60
CA ARG A 79 -1.18 1.13 -2.81
C ARG A 79 -0.47 0.52 -4.02
N LEU A 80 -1.24 0.08 -5.02
CA LEU A 80 -0.68 -0.42 -6.30
C LEU A 80 -1.09 0.54 -7.41
N ASP A 81 -0.16 1.39 -7.83
CA ASP A 81 -0.36 2.46 -8.83
C ASP A 81 0.43 2.11 -10.08
N ARG A 82 -0.26 1.82 -11.20
CA ARG A 82 0.37 1.35 -12.45
C ARG A 82 1.23 2.50 -12.96
N GLU A 83 0.80 3.75 -12.71
CA GLU A 83 1.55 4.96 -13.12
C GLU A 83 2.81 5.12 -12.26
N LYS A 84 2.89 4.47 -11.10
CA LYS A 84 4.14 4.44 -10.30
C LYS A 84 5.02 3.27 -10.77
N GLN A 85 4.46 2.06 -10.71
CA GLN A 85 5.17 0.82 -11.14
C GLN A 85 4.11 -0.13 -11.68
N ALA A 86 4.34 -0.65 -12.87
CA ALA A 86 3.38 -1.43 -13.67
C ALA A 86 3.56 -2.92 -13.41
N VAL A 87 4.80 -3.39 -13.18
CA VAL A 87 5.14 -4.84 -13.00
C VAL A 87 5.87 -5.02 -11.66
N TYR A 88 5.53 -6.09 -10.94
CA TYR A 88 6.09 -6.44 -9.62
C TYR A 88 6.57 -7.89 -9.65
N SER A 89 7.83 -8.09 -9.30
CA SER A 89 8.51 -9.41 -9.28
C SER A 89 8.60 -9.95 -7.86
N LEU A 90 7.98 -11.11 -7.64
CA LEU A 90 7.99 -11.88 -6.37
C LEU A 90 8.70 -13.22 -6.59
N ILE A 91 9.31 -13.75 -5.53
CA ILE A 91 9.79 -15.14 -5.56
C ILE A 91 9.01 -15.85 -4.46
N LEU A 92 8.11 -16.76 -4.85
CA LEU A 92 7.35 -17.61 -3.90
C LEU A 92 8.27 -18.68 -3.33
N VAL A 93 8.14 -18.96 -2.04
CA VAL A 93 8.87 -20.06 -1.34
C VAL A 93 7.85 -20.93 -0.63
N ALA A 94 8.00 -22.23 -0.77
CA ALA A 94 7.21 -23.24 -0.05
C ALA A 94 8.19 -24.15 0.69
N SER A 95 8.09 -24.17 2.01
CA SER A 95 8.98 -24.91 2.94
C SER A 95 8.15 -25.94 3.69
N ASP A 96 8.74 -27.09 3.94
CA ASP A 96 8.24 -28.04 4.96
C ASP A 96 8.91 -27.63 6.28
N LEU A 97 8.57 -28.34 7.34
CA LEU A 97 9.13 -28.10 8.70
C LEU A 97 9.98 -29.30 9.10
N GLY A 98 10.91 -29.74 8.24
CA GLY A 98 11.91 -30.80 8.49
C GLY A 98 12.81 -30.60 9.71
N GLN A 99 13.42 -31.72 10.15
CA GLN A 99 14.06 -31.99 11.49
C GLN A 99 14.89 -30.79 11.96
N PRO A 100 16.24 -30.67 11.70
CA PRO A 100 16.95 -29.40 11.94
C PRO A 100 16.95 -28.45 10.73
N VAL A 101 16.67 -28.96 9.52
CA VAL A 101 16.60 -28.16 8.25
C VAL A 101 15.41 -28.62 7.44
N PRO A 102 14.55 -27.69 7.04
CA PRO A 102 13.51 -27.97 6.05
C PRO A 102 14.00 -27.93 4.59
N TYR A 103 13.41 -28.74 3.71
CA TYR A 103 13.48 -28.60 2.23
C TYR A 103 12.50 -27.48 1.83
N GLU A 104 12.92 -26.66 0.86
CA GLU A 104 12.15 -25.50 0.34
C GLU A 104 12.29 -25.49 -1.19
N THR A 105 11.27 -24.93 -1.84
CA THR A 105 11.17 -24.79 -3.31
C THR A 105 10.80 -23.33 -3.61
N MET A 106 11.36 -22.72 -4.65
CA MET A 106 11.07 -21.32 -5.00
C MET A 106 10.55 -21.29 -6.44
N GLN A 107 9.68 -20.34 -6.71
CA GLN A 107 8.99 -20.15 -8.00
C GLN A 107 8.81 -18.65 -8.23
N PRO A 108 9.56 -18.03 -9.17
CA PRO A 108 9.29 -16.64 -9.55
C PRO A 108 7.83 -16.44 -10.01
N LEU A 109 7.23 -15.33 -9.61
CA LEU A 109 5.88 -14.91 -10.05
C LEU A 109 5.91 -13.42 -10.40
N GLN A 110 5.41 -13.01 -11.57
CA GLN A 110 5.20 -11.58 -11.90
C GLN A 110 3.74 -11.22 -11.71
N VAL A 111 3.47 -10.02 -11.20
CA VAL A 111 2.11 -9.41 -11.11
C VAL A 111 2.15 -8.14 -11.95
N ALA A 112 1.28 -8.04 -12.95
CA ALA A 112 1.18 -6.87 -13.85
C ALA A 112 -0.13 -6.16 -13.56
N LEU A 113 -0.09 -4.83 -13.45
CA LEU A 113 -1.30 -4.04 -13.13
C LEU A 113 -1.98 -3.65 -14.43
N GLU A 114 -3.24 -4.01 -14.59
CA GLU A 114 -4.14 -3.53 -15.67
C GLU A 114 -4.50 -2.06 -15.35
N ASP A 115 -4.39 -1.18 -16.34
CA ASP A 115 -4.69 0.27 -16.22
C ASP A 115 -6.17 0.52 -15.93
N ILE A 116 -6.47 1.46 -15.04
CA ILE A 116 -7.83 2.07 -14.94
C ILE A 116 -7.70 3.57 -15.24
N ASP A 117 -8.82 4.17 -15.63
CA ASP A 117 -8.89 5.57 -16.07
C ASP A 117 -8.91 6.45 -14.84
N ASP A 118 -7.77 6.63 -14.17
CA ASP A 118 -7.75 7.40 -12.89
C ASP A 118 -6.86 8.63 -13.04
N ASN A 119 -6.57 9.05 -14.28
CA ASN A 119 -5.81 10.30 -14.53
C ASN A 119 -6.52 11.09 -15.61
N GLU A 120 -6.36 12.40 -15.61
CA GLU A 120 -6.93 13.25 -16.68
C GLU A 120 -5.77 13.95 -17.37
N PRO A 121 -5.99 14.45 -18.62
CA PRO A 121 -5.02 15.31 -19.30
C PRO A 121 -4.64 16.52 -18.45
N LEU A 122 -3.32 16.74 -18.29
CA LEU A 122 -2.67 17.81 -17.50
C LEU A 122 -1.52 18.41 -18.29
N PHE A 123 -1.43 19.73 -18.30
CA PHE A 123 -0.23 20.49 -18.72
C PHE A 123 0.78 20.53 -17.58
N VAL A 124 2.04 20.81 -17.93
CA VAL A 124 3.11 21.17 -16.96
C VAL A 124 3.53 22.60 -17.30
N ARG A 125 3.47 23.49 -16.30
CA ARG A 125 3.74 24.93 -16.48
C ARG A 125 5.23 25.09 -16.71
N PRO A 126 5.62 25.95 -17.68
CA PRO A 126 7.02 26.35 -17.82
C PRO A 126 7.54 26.83 -16.48
N PRO A 127 8.87 26.70 -16.20
CA PRO A 127 9.48 27.19 -14.97
C PRO A 127 9.14 28.65 -14.64
N LYS A 128 9.10 28.99 -13.35
CA LYS A 128 8.80 30.37 -12.87
C LYS A 128 9.86 31.32 -13.42
N GLY A 129 9.44 32.49 -13.91
CA GLY A 129 10.33 33.46 -14.57
C GLY A 129 10.12 33.52 -16.07
N SER A 130 9.98 32.36 -16.74
CA SER A 130 9.76 32.25 -18.20
C SER A 130 8.25 32.35 -18.50
N PRO A 131 7.84 32.82 -19.69
CA PRO A 131 6.42 32.98 -19.99
C PRO A 131 5.62 31.68 -19.79
N GLN A 132 4.41 31.81 -19.25
CA GLN A 132 3.60 30.67 -18.75
C GLN A 132 2.70 30.13 -19.87
N TYR A 133 2.59 30.85 -20.99
CA TYR A 133 1.80 30.42 -22.16
C TYR A 133 2.67 29.61 -23.15
N GLN A 134 2.05 28.75 -23.94
CA GLN A 134 2.59 28.28 -25.21
C GLN A 134 2.49 29.39 -26.25
N LEU A 135 3.58 29.68 -26.95
CA LEU A 135 3.67 30.71 -28.02
C LEU A 135 3.49 30.06 -29.38
N LEU A 136 2.65 30.64 -30.23
CA LEU A 136 2.46 30.21 -31.62
C LEU A 136 2.58 31.45 -32.49
N THR A 137 3.11 31.30 -33.71
CA THR A 137 3.34 32.41 -34.69
C THR A 137 2.74 32.03 -36.03
N VAL A 138 2.15 33.00 -36.75
CA VAL A 138 1.69 32.81 -38.15
C VAL A 138 1.97 34.09 -38.93
N PRO A 139 2.31 34.03 -40.24
CA PRO A 139 2.34 35.21 -41.08
C PRO A 139 0.96 35.90 -41.08
N GLU A 140 0.94 37.21 -40.87
CA GLU A 140 -0.30 38.03 -41.05
C GLU A 140 -0.85 37.80 -42.46
N HIS A 141 -2.16 37.94 -42.65
CA HIS A 141 -2.79 37.85 -44.00
C HIS A 141 -2.72 36.41 -44.56
N SER A 142 -2.38 35.42 -43.73
CA SER A 142 -2.41 33.98 -44.11
C SER A 142 -3.86 33.61 -44.49
N PRO A 143 -4.08 32.78 -45.53
CA PRO A 143 -5.44 32.42 -45.94
C PRO A 143 -6.14 31.48 -44.94
N ARG A 144 -7.45 31.36 -45.11
CA ARG A 144 -8.36 30.65 -44.18
C ARG A 144 -7.87 29.20 -44.10
N GLY A 145 -7.79 28.62 -42.91
CA GLY A 145 -7.33 27.22 -42.76
C GLY A 145 -5.84 27.08 -42.52
N THR A 146 -5.02 28.12 -42.71
CA THR A 146 -3.54 28.05 -42.51
C THR A 146 -3.24 27.51 -41.10
N LEU A 147 -2.40 26.50 -40.99
CA LEU A 147 -1.92 26.01 -39.68
C LEU A 147 -1.11 27.14 -39.01
N VAL A 148 -1.63 27.69 -37.91
CA VAL A 148 -0.89 28.59 -37.00
C VAL A 148 0.18 27.73 -36.32
N GLY A 149 -0.24 26.63 -35.70
CA GLY A 149 0.69 25.59 -35.19
C GLY A 149 -0.09 24.62 -34.33
N ASN A 150 0.59 23.65 -33.73
CA ASN A 150 -0.03 22.58 -32.91
C ASN A 150 0.00 22.99 -31.45
N VAL A 151 -1.18 23.18 -30.83
CA VAL A 151 -1.20 23.30 -29.37
C VAL A 151 -1.04 21.89 -28.80
N THR A 152 -0.22 21.80 -27.76
CA THR A 152 0.33 20.54 -27.24
C THR A 152 0.76 20.82 -25.79
N GLY A 153 1.23 19.78 -25.11
CA GLY A 153 1.78 19.85 -23.74
C GLY A 153 0.92 19.09 -22.75
N ALA A 154 -0.29 18.67 -23.11
CA ALA A 154 -1.18 17.94 -22.17
C ALA A 154 -0.96 16.44 -22.35
N VAL A 155 -0.70 15.74 -21.25
CA VAL A 155 -0.45 14.28 -21.20
C VAL A 155 -1.46 13.66 -20.23
N ASP A 156 -2.04 12.51 -20.60
CA ASP A 156 -2.84 11.65 -19.71
C ASP A 156 -1.98 10.43 -19.36
N ALA A 157 -1.75 10.20 -18.07
CA ALA A 157 -0.78 9.20 -17.56
C ALA A 157 -1.33 7.79 -17.70
N ASP A 158 -2.59 7.64 -18.14
CA ASP A 158 -3.26 6.32 -18.26
C ASP A 158 -2.79 5.64 -19.56
N GLU A 159 -3.50 4.62 -20.04
CA GLU A 159 -3.05 3.76 -21.16
C GLU A 159 -4.12 3.68 -22.26
N GLY A 160 -3.69 3.73 -23.52
CA GLY A 160 -4.57 3.47 -24.68
C GLY A 160 -5.85 4.30 -24.56
N PRO A 161 -7.06 3.68 -24.62
CA PRO A 161 -8.30 4.43 -24.66
C PRO A 161 -8.65 5.19 -23.37
N ASN A 162 -7.85 5.03 -22.32
CA ASN A 162 -7.98 5.78 -21.05
C ASN A 162 -7.16 7.07 -21.11
N ALA A 163 -6.38 7.28 -22.17
CA ALA A 163 -5.38 8.36 -22.26
C ALA A 163 -5.63 9.23 -23.49
N ILE A 164 -6.88 9.34 -23.97
CA ILE A 164 -7.18 10.20 -25.15
C ILE A 164 -7.11 11.65 -24.72
N VAL A 165 -6.37 12.48 -25.45
CA VAL A 165 -6.24 13.94 -25.17
C VAL A 165 -6.89 14.75 -26.30
N TYR A 166 -7.83 15.63 -25.99
CA TYR A 166 -8.43 16.57 -26.96
C TYR A 166 -8.21 17.99 -26.44
N TYR A 167 -8.08 18.96 -27.34
CA TYR A 167 -7.88 20.40 -27.02
C TYR A 167 -9.10 21.19 -27.45
N PHE A 168 -9.51 22.15 -26.63
CA PHE A 168 -10.66 23.05 -26.91
C PHE A 168 -10.35 24.45 -26.39
N ILE A 169 -10.81 25.48 -27.12
CA ILE A 169 -10.76 26.89 -26.63
C ILE A 169 -11.80 27.00 -25.51
N ALA A 170 -11.38 27.37 -24.29
CA ALA A 170 -12.22 27.43 -23.09
C ALA A 170 -12.78 28.86 -22.96
N ALA A 171 -12.04 29.85 -23.47
CA ALA A 171 -12.35 31.31 -23.36
C ALA A 171 -11.31 32.09 -24.14
N GLY A 172 -11.67 33.27 -24.66
CA GLY A 172 -10.70 34.30 -25.06
C GLY A 172 -10.64 34.56 -26.54
N ASP A 173 -11.36 33.80 -27.37
CA ASP A 173 -11.40 34.06 -28.83
C ASP A 173 -12.83 34.43 -29.28
N GLU A 174 -13.42 35.48 -28.69
CA GLU A 174 -14.81 35.96 -29.00
C GLU A 174 -14.89 36.44 -30.45
N ASP A 175 -13.78 36.89 -31.04
CA ASP A 175 -13.71 37.42 -32.44
C ASP A 175 -13.70 36.27 -33.46
N LYS A 176 -13.51 35.01 -33.03
CA LYS A 176 -13.51 33.84 -33.96
C LYS A 176 -12.37 34.01 -34.96
N ASN A 177 -11.19 34.43 -34.48
CA ASN A 177 -9.98 34.61 -35.33
C ASN A 177 -9.44 33.23 -35.73
N PHE A 178 -9.63 32.23 -34.88
CA PHE A 178 -9.00 30.90 -35.03
C PHE A 178 -10.05 29.80 -34.85
N HIS A 179 -9.78 28.63 -35.42
CA HIS A 179 -10.47 27.37 -35.07
C HIS A 179 -9.44 26.37 -34.52
N LEU A 180 -9.71 25.82 -33.35
CA LEU A 180 -8.85 24.79 -32.77
C LEU A 180 -9.45 23.42 -33.04
N GLN A 181 -8.84 22.63 -33.90
CA GLN A 181 -9.22 21.20 -34.07
C GLN A 181 -8.96 20.49 -32.75
N PRO A 182 -9.81 19.50 -32.40
CA PRO A 182 -9.59 18.70 -31.21
C PRO A 182 -8.21 18.03 -31.12
N ASP A 183 -7.49 17.86 -32.23
CA ASP A 183 -6.15 17.21 -32.25
C ASP A 183 -5.07 18.23 -31.85
N GLY A 184 -5.40 19.52 -31.71
CA GLY A 184 -4.44 20.56 -31.31
C GLY A 184 -4.05 21.46 -32.46
N ARG A 185 -4.44 21.14 -33.70
CA ARG A 185 -4.13 22.01 -34.88
C ARG A 185 -4.91 23.34 -34.78
N LEU A 186 -4.20 24.46 -34.63
CA LEU A 186 -4.84 25.80 -34.53
C LEU A 186 -4.78 26.49 -35.91
N LEU A 187 -5.93 26.81 -36.47
CA LEU A 187 -6.10 27.27 -37.88
C LEU A 187 -6.57 28.74 -37.90
N VAL A 188 -6.15 29.50 -38.90
CA VAL A 188 -6.64 30.88 -39.22
C VAL A 188 -8.07 30.83 -39.79
N LEU A 189 -9.01 31.58 -39.23
CA LEU A 189 -10.36 31.77 -39.87
C LEU A 189 -10.40 33.14 -40.58
N ARG A 190 -9.95 34.21 -39.94
CA ARG A 190 -10.18 35.61 -40.37
C ARG A 190 -8.89 36.23 -40.92
N ASP A 191 -9.02 37.40 -41.55
CA ASP A 191 -7.88 38.17 -42.11
C ASP A 191 -7.16 38.83 -40.94
N LEU A 192 -5.91 38.47 -40.69
CA LEU A 192 -5.17 39.01 -39.53
C LEU A 192 -4.09 39.96 -40.04
N ASP A 193 -4.05 41.15 -39.45
CA ASP A 193 -3.23 42.31 -39.89
C ASP A 193 -2.30 42.72 -38.75
N ARG A 194 -0.99 42.65 -38.98
CA ARG A 194 0.05 42.91 -37.94
C ARG A 194 -0.03 44.37 -37.53
N GLU A 195 -0.34 45.25 -38.47
CA GLU A 195 -0.33 46.72 -38.27
C GLU A 195 -1.61 47.19 -37.57
N THR A 196 -2.49 46.28 -37.11
CA THR A 196 -3.76 46.62 -36.41
C THR A 196 -3.86 45.87 -35.08
N GLU A 197 -3.70 44.54 -35.13
CA GLU A 197 -3.79 43.65 -33.93
C GLU A 197 -2.83 42.47 -34.17
N ALA A 198 -1.66 42.50 -33.53
CA ALA A 198 -0.49 41.69 -33.86
C ALA A 198 -0.36 40.55 -32.84
N THR A 199 -1.18 40.53 -31.80
CA THR A 199 -1.06 39.53 -30.72
C THR A 199 -2.44 39.12 -30.21
N PHE A 200 -2.63 37.82 -29.96
CA PHE A 200 -3.87 37.23 -29.41
C PHE A 200 -3.54 36.34 -28.22
N SER A 201 -4.45 36.30 -27.27
CA SER A 201 -4.31 35.43 -26.09
C SER A 201 -5.66 34.74 -25.91
N PHE A 202 -5.68 33.46 -25.56
CA PHE A 202 -6.92 32.78 -25.12
C PHE A 202 -6.50 31.56 -24.32
N ILE A 203 -7.47 30.87 -23.76
CA ILE A 203 -7.24 29.74 -22.82
C ILE A 203 -7.69 28.46 -23.51
N VAL A 204 -6.89 27.40 -23.44
CA VAL A 204 -7.33 26.06 -23.92
C VAL A 204 -7.47 25.10 -22.75
N LYS A 205 -8.50 24.27 -22.88
CA LYS A 205 -8.83 23.10 -22.04
C LYS A 205 -8.31 21.84 -22.74
N ALA A 206 -7.56 21.00 -22.02
CA ALA A 206 -7.29 19.60 -22.40
C ALA A 206 -8.28 18.70 -21.67
N SER A 207 -8.90 17.78 -22.40
CA SER A 207 -9.98 16.93 -21.85
C SER A 207 -9.95 15.60 -22.59
N SER A 208 -10.37 14.51 -21.94
CA SER A 208 -10.63 13.21 -22.58
C SER A 208 -12.06 13.19 -23.11
N ASN A 209 -12.86 14.20 -22.80
CA ASN A 209 -14.28 14.26 -23.23
C ASN A 209 -14.38 14.94 -24.60
N ARG A 210 -14.59 14.14 -25.65
CA ARG A 210 -14.74 14.56 -27.06
C ARG A 210 -15.81 15.68 -27.21
N SER A 211 -16.85 15.72 -26.36
CA SER A 211 -17.94 16.71 -26.49
C SER A 211 -17.90 17.73 -25.34
N TRP A 212 -16.71 17.99 -24.80
CA TRP A 212 -16.48 19.08 -23.80
C TRP A 212 -16.93 20.42 -24.38
N THR A 213 -17.51 21.30 -23.58
CA THR A 213 -17.89 22.67 -23.99
C THR A 213 -17.62 23.58 -22.81
N PRO A 214 -17.35 24.89 -23.08
CA PRO A 214 -17.20 25.90 -22.01
C PRO A 214 -18.37 25.86 -21.02
N PRO A 215 -18.14 26.05 -19.69
CA PRO A 215 -19.23 26.29 -18.75
C PRO A 215 -19.61 27.78 -18.74
N ALA A 221 -14.45 32.44 -14.35
CA ALA A 221 -14.17 31.65 -13.13
C ALA A 221 -12.90 30.81 -13.30
N LEU A 222 -12.01 31.13 -14.25
CA LEU A 222 -10.93 30.22 -14.78
C LEU A 222 -9.56 30.61 -14.23
N ASP A 223 -9.03 29.79 -13.33
CA ASP A 223 -7.78 30.07 -12.58
C ASP A 223 -6.64 29.24 -13.19
N LEU A 224 -5.73 29.88 -13.92
CA LEU A 224 -4.57 29.22 -14.57
C LEU A 224 -3.48 28.84 -13.55
N LEU A 225 -3.51 29.37 -12.33
CA LEU A 225 -2.48 29.07 -11.29
C LEU A 225 -2.70 27.67 -10.73
N THR A 226 -3.96 27.26 -10.56
CA THR A 226 -4.33 26.02 -9.81
C THR A 226 -4.81 24.90 -10.74
N ASP A 227 -5.39 25.23 -11.91
CA ASP A 227 -6.05 24.27 -12.84
C ASP A 227 -5.12 23.97 -14.02
N LEU A 228 -4.39 22.86 -13.93
CA LEU A 228 -3.39 22.42 -14.94
C LEU A 228 -4.08 21.62 -16.05
N THR A 229 -5.41 21.53 -16.07
CA THR A 229 -6.15 21.07 -17.26
C THR A 229 -6.28 22.21 -18.29
N LEU A 230 -5.82 23.42 -17.94
CA LEU A 230 -5.93 24.62 -18.81
C LEU A 230 -4.51 25.11 -19.12
N GLN A 231 -4.32 25.79 -20.25
CA GLN A 231 -3.10 26.62 -20.45
C GLN A 231 -3.49 27.83 -21.25
N GLU A 232 -2.70 28.88 -21.12
CA GLU A 232 -2.81 30.06 -22.00
C GLU A 232 -2.00 29.79 -23.27
N VAL A 233 -2.59 30.24 -24.36
CA VAL A 233 -1.99 30.19 -25.72
C VAL A 233 -1.95 31.63 -26.17
N ARG A 234 -0.80 32.01 -26.69
CA ARG A 234 -0.59 33.35 -27.27
C ARG A 234 -0.23 33.17 -28.74
N VAL A 235 -0.86 33.93 -29.62
CA VAL A 235 -0.53 33.97 -31.06
C VAL A 235 0.02 35.36 -31.40
N VAL A 236 1.17 35.41 -32.07
CA VAL A 236 1.73 36.67 -32.62
C VAL A 236 1.79 36.55 -34.15
N LEU A 237 1.63 37.67 -34.87
CA LEU A 237 1.68 37.70 -36.36
C LEU A 237 3.10 38.06 -36.77
N GLU A 238 3.70 37.23 -37.62
CA GLU A 238 5.00 37.50 -38.29
C GLU A 238 4.76 38.57 -39.35
N ASP A 239 5.74 39.45 -39.51
CA ASP A 239 5.69 40.59 -40.46
C ASP A 239 5.75 40.06 -41.89
N ILE A 240 4.83 40.54 -42.71
CA ILE A 240 4.88 40.53 -44.20
C ILE A 240 5.17 41.97 -44.64
N ASN A 241 5.90 42.10 -45.74
CA ASN A 241 6.17 43.43 -46.36
C ASN A 241 4.97 43.83 -47.24
N ASP A 242 3.94 44.47 -46.64
CA ASP A 242 2.60 44.78 -47.27
C ASP A 242 2.40 46.30 -47.35
N SER B 3 37.18 -45.92 31.70
CA SER B 3 36.73 -45.60 33.13
C SER B 3 35.61 -44.52 33.24
N ASP B 4 35.56 -43.48 32.41
CA ASP B 4 34.54 -42.38 32.52
C ASP B 4 33.11 -42.92 32.26
N VAL B 5 32.16 -42.60 33.13
CA VAL B 5 30.72 -42.80 32.88
C VAL B 5 30.07 -41.42 32.77
N ASN B 6 28.85 -41.46 32.31
CA ASN B 6 28.02 -40.26 32.11
C ASN B 6 27.43 -39.94 33.45
N ASP B 7 28.05 -38.99 34.16
CA ASP B 7 27.52 -38.57 35.46
C ASP B 7 27.50 -37.04 35.51
N ASN B 8 27.52 -36.37 34.36
CA ASN B 8 27.49 -34.89 34.25
C ASN B 8 26.52 -34.48 33.18
N ARG B 9 25.62 -33.60 33.57
CA ARG B 9 24.64 -32.93 32.68
C ARG B 9 25.36 -31.78 31.99
N PRO B 10 25.00 -31.47 30.72
CA PRO B 10 25.43 -30.23 30.09
C PRO B 10 24.98 -29.02 30.93
N VAL B 11 25.82 -27.99 30.97
CA VAL B 11 25.55 -26.73 31.70
C VAL B 11 25.58 -25.59 30.68
N PHE B 12 24.48 -24.86 30.59
CA PHE B 12 24.37 -23.70 29.68
C PHE B 12 25.37 -22.64 30.10
N VAL B 13 26.11 -22.06 29.16
CA VAL B 13 26.86 -20.79 29.45
C VAL B 13 26.22 -19.65 28.67
N ARG B 14 25.48 -19.91 27.59
CA ARG B 14 24.89 -18.87 26.69
C ARG B 14 23.62 -19.47 26.10
N PRO B 15 22.44 -18.81 26.15
CA PRO B 15 22.23 -17.52 26.78
C PRO B 15 22.03 -17.61 28.29
N PRO B 16 22.00 -16.48 29.04
CA PRO B 16 21.63 -16.51 30.45
C PRO B 16 20.18 -17.01 30.64
N ASN B 17 19.86 -17.66 31.77
N ASN B 17 19.90 -17.54 31.83
CA ASN B 17 18.46 -18.14 31.97
CA ASN B 17 18.55 -18.01 32.25
C ASN B 17 17.56 -16.91 32.12
C ASN B 17 17.55 -16.84 32.17
N GLY B 18 16.37 -17.05 31.58
CA GLY B 18 15.30 -16.03 31.58
C GLY B 18 15.47 -14.98 30.49
N THR B 19 16.41 -15.18 29.57
CA THR B 19 16.74 -14.19 28.52
C THR B 19 15.50 -13.94 27.64
N ILE B 20 15.27 -12.69 27.27
CA ILE B 20 14.33 -12.32 26.17
C ILE B 20 15.17 -11.62 25.11
N LEU B 21 15.34 -12.29 23.97
CA LEU B 21 15.99 -11.77 22.75
C LEU B 21 14.97 -10.92 22.00
N HIS B 22 15.46 -9.87 21.35
CA HIS B 22 14.67 -8.90 20.57
C HIS B 22 15.18 -8.94 19.14
N ILE B 23 14.30 -9.24 18.20
CA ILE B 23 14.63 -9.17 16.76
C ILE B 23 13.43 -8.50 16.11
N LYS B 24 13.61 -7.99 14.90
CA LYS B 24 12.53 -7.39 14.10
C LYS B 24 11.64 -8.50 13.56
N GLU B 25 10.35 -8.26 13.57
CA GLU B 25 9.37 -9.02 12.76
C GLU B 25 9.74 -8.90 11.28
N GLU B 26 9.36 -9.88 10.50
CA GLU B 26 9.30 -9.87 9.02
C GLU B 26 10.71 -10.01 8.41
N ILE B 27 11.72 -10.36 9.21
CA ILE B 27 13.09 -10.69 8.71
C ILE B 27 13.06 -11.98 7.91
N PRO B 28 14.01 -12.11 6.95
CA PRO B 28 14.10 -13.26 6.05
C PRO B 28 14.19 -14.62 6.75
N LEU B 29 13.67 -15.66 6.10
CA LEU B 29 13.84 -17.06 6.54
C LEU B 29 15.34 -17.33 6.71
N ARG B 30 15.69 -18.15 7.70
CA ARG B 30 17.06 -18.58 8.03
C ARG B 30 17.87 -17.38 8.50
N SER B 31 17.26 -16.28 8.96
CA SER B 31 18.00 -15.20 9.67
C SER B 31 18.55 -15.79 10.98
N ASN B 32 19.78 -15.40 11.34
CA ASN B 32 20.51 -15.92 12.52
C ASN B 32 19.93 -15.23 13.75
N VAL B 33 19.59 -15.95 14.81
CA VAL B 33 19.07 -15.24 16.00
C VAL B 33 20.02 -15.39 17.20
N TYR B 34 20.69 -16.53 17.40
CA TYR B 34 21.55 -16.69 18.60
C TYR B 34 22.40 -17.96 18.48
N GLU B 35 23.58 -17.95 19.10
CA GLU B 35 24.51 -19.13 19.15
C GLU B 35 24.48 -19.68 20.57
N VAL B 36 23.67 -20.70 20.83
CA VAL B 36 23.51 -21.38 22.15
C VAL B 36 24.79 -22.16 22.44
N TYR B 37 25.29 -22.15 23.67
CA TYR B 37 26.51 -22.92 24.06
C TYR B 37 26.34 -23.51 25.46
N ALA B 38 26.63 -24.79 25.59
CA ALA B 38 26.69 -25.51 26.87
C ALA B 38 27.94 -26.40 26.95
N THR B 39 28.45 -26.64 28.17
CA THR B 39 29.64 -27.46 28.44
C THR B 39 29.20 -28.76 29.14
N ASP B 40 30.02 -29.82 29.00
CA ASP B 40 29.80 -31.14 29.66
C ASP B 40 31.18 -31.65 30.12
N ASN B 41 31.30 -31.99 31.41
CA ASN B 41 32.59 -32.27 32.08
C ASN B 41 32.95 -33.76 31.96
N ASP B 42 32.15 -34.56 31.27
CA ASP B 42 32.48 -35.97 30.93
C ASP B 42 33.45 -35.98 29.74
N GLU B 43 33.97 -37.16 29.36
CA GLU B 43 34.86 -37.38 28.18
C GLU B 43 34.08 -38.01 27.04
N GLY B 44 34.61 -37.92 25.81
CA GLY B 44 34.08 -38.60 24.62
C GLY B 44 32.60 -38.33 24.44
N LEU B 45 31.85 -39.33 24.00
CA LEU B 45 30.39 -39.26 23.74
C LEU B 45 29.64 -38.76 24.97
N ASN B 46 30.06 -39.17 26.17
CA ASN B 46 29.46 -38.73 27.45
C ASN B 46 29.54 -37.19 27.55
N GLY B 47 30.54 -36.59 26.91
CA GLY B 47 30.86 -35.14 26.99
C GLY B 47 30.47 -34.37 25.75
N ALA B 48 29.84 -35.03 24.80
CA ALA B 48 29.54 -34.45 23.46
C ALA B 48 28.16 -33.79 23.55
N VAL B 49 28.07 -32.48 23.31
CA VAL B 49 26.83 -31.71 23.46
C VAL B 49 26.13 -31.54 22.10
N ARG B 50 24.82 -31.80 22.10
CA ARG B 50 23.94 -31.57 20.93
C ARG B 50 22.73 -30.73 21.38
N TYR B 51 22.30 -29.82 20.52
CA TYR B 51 21.30 -28.77 20.83
C TYR B 51 20.01 -29.15 20.12
N SER B 52 18.88 -28.98 20.78
CA SER B 52 17.54 -29.13 20.16
C SER B 52 16.56 -28.18 20.87
N PHE B 53 15.32 -28.09 20.44
CA PHE B 53 14.24 -27.50 21.28
C PHE B 53 13.41 -28.63 21.86
N LEU B 54 12.81 -28.44 23.03
CA LEU B 54 11.83 -29.42 23.54
C LEU B 54 10.53 -29.27 22.74
N LYS B 55 10.05 -30.36 22.14
CA LYS B 55 8.82 -30.41 21.30
C LYS B 55 7.65 -31.09 22.00
N THR B 56 7.88 -31.68 23.17
CA THR B 56 6.95 -32.63 23.84
C THR B 56 5.79 -31.87 24.53
N THR B 57 5.89 -30.55 24.68
CA THR B 57 4.84 -29.72 25.33
C THR B 57 3.79 -29.30 24.28
N GLY B 58 2.72 -28.65 24.73
CA GLY B 58 1.61 -28.15 23.88
C GLY B 58 1.93 -26.77 23.33
N ASN B 59 3.08 -26.22 23.68
CA ASN B 59 3.58 -24.94 23.12
C ASN B 59 4.47 -25.26 21.90
N ARG B 60 4.02 -24.84 20.73
CA ARG B 60 4.59 -25.23 19.42
C ARG B 60 5.37 -24.07 18.79
N ASP B 61 5.79 -23.11 19.59
CA ASP B 61 6.55 -21.90 19.16
C ASP B 61 7.88 -22.30 18.50
N TRP B 62 8.48 -23.43 18.90
CA TRP B 62 9.73 -23.98 18.29
C TRP B 62 9.59 -24.11 16.77
N GLU B 63 8.38 -24.27 16.25
CA GLU B 63 8.12 -24.50 14.79
C GLU B 63 8.56 -23.29 13.97
N TYR B 64 8.64 -22.12 14.57
CA TYR B 64 9.08 -20.88 13.91
C TYR B 64 10.61 -20.81 13.78
N PHE B 65 11.37 -21.71 14.40
CA PHE B 65 12.85 -21.67 14.41
C PHE B 65 13.43 -23.05 14.18
N THR B 66 14.73 -23.07 13.97
CA THR B 66 15.55 -24.30 13.95
C THR B 66 16.78 -23.99 14.79
N ILE B 67 17.45 -25.04 15.21
CA ILE B 67 18.74 -24.91 15.93
C ILE B 67 19.67 -26.00 15.41
N ASP B 68 20.86 -25.59 15.05
CA ASP B 68 21.86 -26.52 14.49
C ASP B 68 22.34 -27.43 15.65
N PRO B 69 22.15 -28.75 15.55
CA PRO B 69 22.50 -29.66 16.63
C PRO B 69 23.95 -29.57 17.11
N ILE B 70 24.92 -29.17 16.29
CA ILE B 70 26.35 -29.16 16.72
C ILE B 70 26.76 -27.74 17.10
N SER B 71 26.42 -26.77 16.28
CA SER B 71 26.90 -25.37 16.39
C SER B 71 26.07 -24.58 17.41
N GLY B 72 24.83 -24.99 17.69
CA GLY B 72 23.96 -24.20 18.58
C GLY B 72 23.31 -22.99 17.90
N LEU B 73 23.42 -22.84 16.58
CA LEU B 73 22.91 -21.61 15.88
C LEU B 73 21.39 -21.73 15.78
N ILE B 74 20.66 -20.76 16.36
CA ILE B 74 19.20 -20.63 16.15
C ILE B 74 18.98 -19.77 14.88
N GLN B 75 18.14 -20.23 13.96
CA GLN B 75 17.76 -19.48 12.74
C GLN B 75 16.23 -19.51 12.62
N THR B 76 15.63 -18.49 11.98
CA THR B 76 14.16 -18.46 11.76
C THR B 76 13.84 -19.51 10.71
N ALA B 77 12.65 -20.13 10.80
CA ALA B 77 12.18 -21.17 9.87
C ALA B 77 10.94 -20.70 9.11
N GLN B 78 10.28 -19.64 9.56
CA GLN B 78 8.97 -19.22 9.00
C GLN B 78 8.84 -17.71 9.10
N ARG B 79 7.84 -17.17 8.42
CA ARG B 79 7.45 -15.76 8.59
C ARG B 79 7.19 -15.51 10.07
N LEU B 80 7.81 -14.46 10.61
CA LEU B 80 7.57 -13.96 11.98
C LEU B 80 6.80 -12.63 11.87
N ASP B 81 5.50 -12.68 12.06
CA ASP B 81 4.59 -11.51 11.99
C ASP B 81 4.27 -11.06 13.41
N ARG B 82 4.73 -9.89 13.85
CA ARG B 82 4.42 -9.43 15.24
C ARG B 82 2.88 -9.33 15.42
N GLU B 83 2.11 -8.95 14.38
CA GLU B 83 0.63 -8.70 14.48
C GLU B 83 -0.12 -10.03 14.62
N LYS B 84 0.53 -11.15 14.33
CA LYS B 84 -0.01 -12.52 14.52
C LYS B 84 0.34 -13.00 15.93
N GLN B 85 1.61 -12.90 16.33
CA GLN B 85 2.12 -13.31 17.66
C GLN B 85 3.39 -12.50 17.93
N ALA B 86 3.40 -11.74 19.02
CA ALA B 86 4.49 -10.82 19.40
C ALA B 86 5.61 -11.59 20.10
N VAL B 87 5.31 -12.62 20.91
CA VAL B 87 6.34 -13.32 21.76
C VAL B 87 6.36 -14.82 21.48
N TYR B 88 7.56 -15.43 21.51
CA TYR B 88 7.78 -16.86 21.21
C TYR B 88 8.57 -17.48 22.38
N SER B 89 8.01 -18.56 22.94
CA SER B 89 8.56 -19.32 24.09
C SER B 89 9.15 -20.63 23.58
N LEU B 90 10.46 -20.73 23.66
CA LEU B 90 11.27 -21.92 23.30
C LEU B 90 11.78 -22.56 24.59
N ILE B 91 11.93 -23.87 24.60
CA ILE B 91 12.74 -24.54 25.66
C ILE B 91 14.00 -25.11 24.99
N LEU B 92 15.17 -24.52 25.27
CA LEU B 92 16.47 -25.01 24.80
C LEU B 92 16.77 -26.31 25.51
N VAL B 93 17.27 -27.30 24.77
CA VAL B 93 17.77 -28.56 25.37
C VAL B 93 19.21 -28.74 24.89
N ALA B 94 20.10 -28.92 25.85
CA ALA B 94 21.49 -29.38 25.66
C ALA B 94 21.55 -30.81 26.19
N SER B 95 21.84 -31.76 25.33
CA SER B 95 21.95 -33.22 25.62
C SER B 95 23.36 -33.66 25.35
N ASP B 96 23.83 -34.67 26.05
CA ASP B 96 25.08 -35.36 25.64
C ASP B 96 24.68 -36.61 24.84
N LEU B 97 25.65 -37.32 24.27
CA LEU B 97 25.43 -38.61 23.57
C LEU B 97 25.87 -39.78 24.47
N GLY B 98 25.66 -39.65 25.77
CA GLY B 98 26.25 -40.56 26.78
C GLY B 98 25.69 -41.97 26.70
N GLN B 99 26.62 -42.93 26.79
CA GLN B 99 26.61 -44.18 27.59
C GLN B 99 25.36 -45.00 27.32
N PRO B 100 24.84 -45.73 28.35
CA PRO B 100 23.49 -46.25 28.30
C PRO B 100 22.49 -45.09 28.22
N VAL B 101 22.61 -44.10 29.14
CA VAL B 101 21.62 -43.00 29.30
C VAL B 101 22.25 -41.63 29.03
N PRO B 102 21.73 -40.88 28.04
CA PRO B 102 22.06 -39.47 27.92
C PRO B 102 21.52 -38.61 29.07
N TYR B 103 22.22 -37.51 29.36
CA TYR B 103 21.77 -36.42 30.25
C TYR B 103 21.30 -35.27 29.33
N GLU B 104 20.23 -34.57 29.73
CA GLU B 104 19.68 -33.40 29.00
C GLU B 104 19.47 -32.28 30.02
N THR B 105 19.72 -31.03 29.64
CA THR B 105 19.40 -29.82 30.44
C THR B 105 18.46 -28.93 29.63
N MET B 106 17.41 -28.41 30.25
CA MET B 106 16.40 -27.55 29.60
C MET B 106 16.59 -26.16 30.15
N GLN B 107 16.50 -25.14 29.31
CA GLN B 107 16.51 -23.71 29.70
C GLN B 107 15.49 -22.95 28.85
N PRO B 108 14.43 -22.38 29.45
CA PRO B 108 13.49 -21.55 28.69
C PRO B 108 14.18 -20.33 28.07
N LEU B 109 13.80 -19.99 26.84
CA LEU B 109 14.23 -18.74 26.16
C LEU B 109 13.01 -18.14 25.48
N GLN B 110 12.88 -16.82 25.51
CA GLN B 110 11.82 -16.14 24.75
C GLN B 110 12.43 -15.24 23.69
N VAL B 111 11.74 -15.12 22.57
CA VAL B 111 12.08 -14.16 21.47
C VAL B 111 10.90 -13.21 21.32
N ALA B 112 11.15 -11.91 21.50
CA ALA B 112 10.15 -10.83 21.39
C ALA B 112 10.37 -10.10 20.06
N LEU B 113 9.35 -10.02 19.20
CA LEU B 113 9.47 -9.33 17.90
C LEU B 113 9.29 -7.83 18.07
N GLU B 114 10.21 -7.07 17.50
CA GLU B 114 10.17 -5.59 17.46
C GLU B 114 9.30 -5.19 16.27
N ASP B 115 8.44 -4.21 16.44
CA ASP B 115 7.44 -3.79 15.45
C ASP B 115 8.11 -3.04 14.31
N ILE B 116 7.75 -3.36 13.07
CA ILE B 116 7.97 -2.48 11.89
C ILE B 116 6.61 -1.98 11.38
N ASP B 117 6.68 -0.89 10.64
CA ASP B 117 5.49 -0.18 10.10
C ASP B 117 5.08 -0.88 8.82
N ASP B 118 4.36 -1.99 8.89
CA ASP B 118 3.92 -2.79 7.72
C ASP B 118 2.40 -2.82 7.66
N ASN B 119 1.72 -1.96 8.39
CA ASN B 119 0.23 -1.89 8.34
C ASN B 119 -0.23 -0.44 8.31
N GLU B 120 -1.45 -0.25 7.86
CA GLU B 120 -2.10 1.09 7.77
C GLU B 120 -3.40 1.06 8.56
N PRO B 121 -3.91 2.24 8.95
CA PRO B 121 -5.21 2.34 9.59
C PRO B 121 -6.33 1.74 8.75
N LEU B 122 -7.13 0.87 9.37
CA LEU B 122 -8.30 0.17 8.75
C LEU B 122 -9.48 0.29 9.69
N PHE B 123 -10.62 0.67 9.15
CA PHE B 123 -11.91 0.68 9.87
C PHE B 123 -12.37 -0.76 10.04
N VAL B 124 -13.16 -1.02 11.07
CA VAL B 124 -13.92 -2.29 11.28
C VAL B 124 -15.38 -1.97 10.99
N ARG B 125 -15.98 -2.63 10.01
CA ARG B 125 -17.39 -2.42 9.61
C ARG B 125 -18.32 -2.90 10.73
N PRO B 126 -19.47 -2.22 10.95
CA PRO B 126 -20.51 -2.77 11.81
C PRO B 126 -21.03 -4.06 11.17
N PRO B 127 -21.46 -5.06 11.98
CA PRO B 127 -21.98 -6.34 11.47
C PRO B 127 -22.97 -6.19 10.31
N LYS B 128 -22.87 -7.07 9.31
CA LYS B 128 -23.51 -6.90 7.98
C LYS B 128 -25.02 -6.73 8.14
N GLY B 129 -25.65 -5.94 7.29
CA GLY B 129 -27.11 -5.73 7.25
C GLY B 129 -27.59 -4.62 8.16
N SER B 130 -26.94 -4.42 9.31
CA SER B 130 -27.07 -3.22 10.17
C SER B 130 -26.42 -2.02 9.47
N PRO B 131 -26.70 -0.76 9.86
CA PRO B 131 -26.22 0.38 9.10
C PRO B 131 -24.68 0.45 9.16
N GLN B 132 -24.06 0.81 8.03
CA GLN B 132 -22.59 0.65 7.81
C GLN B 132 -21.83 1.95 8.13
N TYR B 133 -22.57 3.07 8.32
CA TYR B 133 -22.00 4.39 8.64
C TYR B 133 -21.72 4.49 10.16
N GLN B 134 -20.90 5.46 10.54
CA GLN B 134 -20.84 6.02 11.92
C GLN B 134 -21.90 7.13 12.05
N LEU B 135 -22.82 6.99 13.00
CA LEU B 135 -23.88 7.99 13.29
C LEU B 135 -23.41 8.97 14.38
N LEU B 136 -23.48 10.25 14.07
CA LEU B 136 -23.17 11.35 15.01
C LEU B 136 -24.42 12.22 15.05
N THR B 137 -24.67 12.87 16.20
CA THR B 137 -25.80 13.84 16.34
C THR B 137 -25.27 15.15 16.92
N VAL B 138 -25.93 16.22 16.54
CA VAL B 138 -25.63 17.57 17.08
C VAL B 138 -26.89 18.42 17.03
N PRO B 139 -27.15 19.27 18.05
CA PRO B 139 -28.32 20.13 18.00
C PRO B 139 -28.28 21.04 16.78
N GLU B 140 -29.42 21.24 16.14
CA GLU B 140 -29.57 22.24 15.05
C GLU B 140 -29.25 23.64 15.58
N HIS B 141 -28.76 24.52 14.69
CA HIS B 141 -28.50 25.95 14.99
C HIS B 141 -27.36 26.06 16.02
N SER B 142 -26.53 25.02 16.14
CA SER B 142 -25.31 25.05 17.01
C SER B 142 -24.33 26.10 16.46
N PRO B 143 -23.64 26.85 17.36
CA PRO B 143 -22.53 27.71 16.92
C PRO B 143 -21.44 26.95 16.14
N ARG B 144 -20.86 27.65 15.19
CA ARG B 144 -19.58 27.36 14.52
C ARG B 144 -18.54 26.77 15.49
N GLY B 145 -17.96 25.61 15.16
CA GLY B 145 -16.94 24.94 15.98
C GLY B 145 -17.52 24.02 17.05
N THR B 146 -18.84 23.92 17.17
CA THR B 146 -19.45 22.98 18.14
C THR B 146 -19.09 21.56 17.71
N LEU B 147 -18.68 20.72 18.64
CA LEU B 147 -18.34 19.31 18.35
C LEU B 147 -19.62 18.57 17.96
N VAL B 148 -19.65 17.98 16.78
CA VAL B 148 -20.71 16.99 16.39
C VAL B 148 -20.41 15.65 17.08
N GLY B 149 -19.17 15.20 16.94
CA GLY B 149 -18.66 14.02 17.67
C GLY B 149 -17.28 13.68 17.17
N ASN B 150 -16.74 12.59 17.70
CA ASN B 150 -15.39 12.06 17.35
C ASN B 150 -15.59 10.95 16.32
N VAL B 151 -15.13 11.18 15.09
CA VAL B 151 -15.12 10.06 14.12
C VAL B 151 -13.98 9.13 14.57
N THR B 152 -14.28 7.83 14.67
CA THR B 152 -13.34 6.79 15.14
C THR B 152 -13.65 5.48 14.44
N GLY B 153 -12.91 4.45 14.84
CA GLY B 153 -13.08 3.07 14.43
C GLY B 153 -11.87 2.58 13.68
N ALA B 154 -11.02 3.47 13.16
CA ALA B 154 -9.85 3.04 12.36
C ALA B 154 -8.72 2.62 13.32
N VAL B 155 -8.15 1.45 13.08
CA VAL B 155 -7.03 0.91 13.89
C VAL B 155 -5.86 0.58 12.94
N ASP B 156 -4.66 1.05 13.30
CA ASP B 156 -3.36 0.63 12.73
C ASP B 156 -2.80 -0.47 13.64
N ALA B 157 -2.60 -1.66 13.08
CA ALA B 157 -2.28 -2.89 13.83
C ALA B 157 -0.82 -2.88 14.33
N ASP B 158 -0.06 -1.87 13.98
CA ASP B 158 1.38 -1.68 14.36
C ASP B 158 1.42 -1.07 15.77
N GLU B 159 2.54 -0.52 16.23
CA GLU B 159 2.71 -0.07 17.64
C GLU B 159 3.33 1.33 17.66
N GLY B 160 2.92 2.18 18.62
CA GLY B 160 3.59 3.45 18.93
C GLY B 160 3.62 4.38 17.71
N PRO B 161 4.81 4.88 17.30
CA PRO B 161 4.91 5.86 16.21
C PRO B 161 4.55 5.26 14.85
N ASN B 162 4.52 3.92 14.74
CA ASN B 162 4.17 3.22 13.50
C ASN B 162 2.66 3.17 13.33
N ALA B 163 1.91 3.68 14.31
CA ALA B 163 0.47 3.34 14.43
C ALA B 163 -0.36 4.62 14.61
N ILE B 164 0.11 5.75 14.11
CA ILE B 164 -0.67 7.01 14.22
C ILE B 164 -1.83 7.00 13.21
N VAL B 165 -3.01 7.42 13.65
CA VAL B 165 -4.25 7.48 12.81
C VAL B 165 -4.68 8.94 12.65
N TYR B 166 -4.83 9.42 11.41
CA TYR B 166 -5.46 10.71 11.07
C TYR B 166 -6.70 10.46 10.22
N TYR B 167 -7.69 11.35 10.34
CA TYR B 167 -9.00 11.29 9.67
C TYR B 167 -9.16 12.51 8.80
N PHE B 168 -9.63 12.31 7.56
CA PHE B 168 -9.92 13.39 6.58
C PHE B 168 -11.23 13.10 5.87
N ILE B 169 -11.93 14.19 5.52
CA ILE B 169 -13.08 14.12 4.61
C ILE B 169 -12.54 13.81 3.21
N ALA B 170 -12.96 12.69 2.64
CA ALA B 170 -12.47 12.20 1.33
C ALA B 170 -13.39 12.72 0.22
N ALA B 171 -14.69 12.80 0.50
CA ALA B 171 -15.74 13.27 -0.43
C ALA B 171 -17.09 13.36 0.29
N GLY B 172 -18.03 14.12 -0.31
CA GLY B 172 -19.45 14.11 0.03
C GLY B 172 -19.88 15.25 0.95
N ASP B 173 -18.99 16.20 1.30
CA ASP B 173 -19.36 17.44 2.04
C ASP B 173 -19.14 18.66 1.12
N GLU B 174 -19.89 18.69 0.03
CA GLU B 174 -19.76 19.73 -1.04
C GLU B 174 -20.13 21.11 -0.47
N ASP B 175 -21.09 21.18 0.45
CA ASP B 175 -21.57 22.46 1.04
C ASP B 175 -20.68 22.93 2.20
N LYS B 176 -19.68 22.14 2.62
CA LYS B 176 -18.72 22.52 3.71
C LYS B 176 -19.53 22.91 4.93
N ASN B 177 -20.44 22.01 5.30
CA ASN B 177 -21.24 22.10 6.54
C ASN B 177 -20.35 21.79 7.73
N PHE B 178 -19.25 21.05 7.53
CA PHE B 178 -18.43 20.53 8.65
C PHE B 178 -16.95 20.76 8.39
N HIS B 179 -16.18 20.77 9.46
CA HIS B 179 -14.70 20.70 9.41
C HIS B 179 -14.29 19.47 10.22
N LEU B 180 -13.53 18.56 9.63
CA LEU B 180 -13.01 17.38 10.38
C LEU B 180 -11.55 17.65 10.72
N GLN B 181 -11.22 17.74 12.00
CA GLN B 181 -9.81 17.89 12.40
C GLN B 181 -9.14 16.56 12.17
N PRO B 182 -7.81 16.51 11.95
CA PRO B 182 -7.10 15.26 11.74
C PRO B 182 -7.23 14.29 12.92
N ASP B 183 -7.44 14.77 14.15
CA ASP B 183 -7.66 13.91 15.34
C ASP B 183 -9.06 13.27 15.34
N GLY B 184 -9.95 13.58 14.40
CA GLY B 184 -11.30 12.96 14.40
C GLY B 184 -12.42 13.86 14.91
N ARG B 185 -12.13 15.02 15.50
CA ARG B 185 -13.21 15.92 16.02
C ARG B 185 -13.95 16.48 14.81
N LEU B 186 -15.22 16.19 14.69
CA LEU B 186 -16.01 16.74 13.57
C LEU B 186 -16.75 17.98 14.10
N LEU B 187 -16.57 19.14 13.49
CA LEU B 187 -17.07 20.45 13.97
C LEU B 187 -18.13 20.97 13.01
N VAL B 188 -19.12 21.71 13.54
CA VAL B 188 -20.13 22.45 12.73
C VAL B 188 -19.46 23.66 12.12
N LEU B 189 -19.58 23.90 10.81
CA LEU B 189 -19.11 25.16 10.16
C LEU B 189 -20.28 26.11 9.87
N ARG B 190 -21.48 25.59 9.61
CA ARG B 190 -22.62 26.39 9.10
C ARG B 190 -23.86 26.21 9.96
N ASP B 191 -24.87 27.03 9.69
CA ASP B 191 -26.20 27.00 10.35
C ASP B 191 -26.97 25.80 9.80
N LEU B 192 -27.18 24.79 10.63
CA LEU B 192 -27.82 23.51 10.27
C LEU B 192 -29.23 23.48 10.88
N ASP B 193 -30.25 23.33 10.03
CA ASP B 193 -31.69 23.36 10.38
C ASP B 193 -32.31 21.94 10.42
N ARG B 194 -32.90 21.51 11.53
CA ARG B 194 -33.50 20.16 11.64
C ARG B 194 -34.65 20.02 10.64
N GLU B 195 -35.52 21.03 10.55
CA GLU B 195 -36.85 20.87 9.87
C GLU B 195 -36.65 20.77 8.35
N THR B 196 -35.66 21.45 7.79
CA THR B 196 -35.47 21.56 6.32
C THR B 196 -34.14 20.93 5.85
N GLU B 197 -33.35 20.33 6.73
CA GLU B 197 -32.10 19.61 6.36
C GLU B 197 -32.06 18.22 7.04
N ALA B 198 -32.04 18.20 8.37
CA ALA B 198 -32.16 17.01 9.27
C ALA B 198 -30.89 16.16 9.24
N THR B 199 -30.29 15.91 8.08
CA THR B 199 -29.23 14.89 7.96
C THR B 199 -28.21 15.27 6.90
N PHE B 200 -26.97 14.80 7.08
CA PHE B 200 -25.82 14.93 6.16
C PHE B 200 -25.03 13.63 6.19
N SER B 201 -24.29 13.33 5.13
CA SER B 201 -23.52 12.08 4.93
C SER B 201 -22.25 12.42 4.16
N PHE B 202 -21.12 11.82 4.50
CA PHE B 202 -19.89 11.99 3.67
C PHE B 202 -18.92 10.85 3.95
N ILE B 203 -17.80 10.80 3.24
CA ILE B 203 -16.87 9.65 3.38
C ILE B 203 -15.61 10.16 4.05
N VAL B 204 -15.17 9.49 5.10
CA VAL B 204 -13.86 9.84 5.70
C VAL B 204 -12.81 8.77 5.38
N LYS B 205 -11.60 9.25 5.18
CA LYS B 205 -10.38 8.47 4.97
C LYS B 205 -9.64 8.40 6.30
N ALA B 206 -9.22 7.20 6.70
CA ALA B 206 -8.24 7.01 7.78
C ALA B 206 -6.86 6.88 7.14
N SER B 207 -5.86 7.59 7.66
CA SER B 207 -4.50 7.56 7.10
C SER B 207 -3.45 7.90 8.16
N SER B 208 -2.24 7.42 7.94
CA SER B 208 -1.04 7.65 8.79
C SER B 208 -0.26 8.85 8.25
N ASN B 209 -0.63 9.33 7.07
CA ASN B 209 -0.02 10.52 6.41
C ASN B 209 -0.80 11.78 6.81
N ARG B 210 -0.18 12.63 7.62
CA ARG B 210 -0.72 13.92 8.15
C ARG B 210 -1.11 14.86 6.99
N SER B 211 -0.43 14.76 5.85
CA SER B 211 -0.68 15.64 4.66
C SER B 211 -1.59 14.94 3.65
N TRP B 212 -2.32 13.90 4.02
CA TRP B 212 -3.19 13.20 3.03
C TRP B 212 -4.18 14.23 2.48
N THR B 213 -4.42 14.21 1.16
CA THR B 213 -5.40 15.10 0.51
C THR B 213 -6.26 14.27 -0.43
N PRO B 214 -7.49 14.73 -0.72
CA PRO B 214 -8.42 13.97 -1.56
C PRO B 214 -7.78 13.57 -2.88
N PRO B 215 -8.10 12.38 -3.45
CA PRO B 215 -7.69 12.05 -4.81
C PRO B 215 -8.37 13.03 -5.80
N ARG B 216 -7.58 13.54 -6.76
CA ARG B 216 -7.97 14.59 -7.73
C ARG B 216 -7.56 14.16 -9.15
N ALA B 221 -14.34 7.51 -8.08
CA ALA B 221 -15.49 6.84 -7.43
C ALA B 221 -14.99 5.86 -6.36
N LEU B 222 -15.51 5.98 -5.13
CA LEU B 222 -14.94 5.38 -3.88
C LEU B 222 -15.82 4.22 -3.44
N ASP B 223 -15.20 3.09 -3.09
CA ASP B 223 -15.92 1.81 -2.82
C ASP B 223 -15.86 1.46 -1.33
N LEU B 224 -16.99 1.65 -0.64
CA LEU B 224 -17.10 1.45 0.82
C LEU B 224 -17.17 -0.04 1.10
N LEU B 225 -17.68 -0.84 0.18
CA LEU B 225 -17.82 -2.30 0.41
C LEU B 225 -16.43 -2.93 0.58
N THR B 226 -15.39 -2.49 -0.15
CA THR B 226 -14.07 -3.20 -0.23
C THR B 226 -12.94 -2.41 0.43
N ASP B 227 -13.04 -1.08 0.47
CA ASP B 227 -11.94 -0.20 0.96
C ASP B 227 -12.19 0.16 2.43
N LEU B 228 -11.53 -0.55 3.34
CA LEU B 228 -11.66 -0.38 4.80
C LEU B 228 -10.78 0.76 5.30
N THR B 229 -10.07 1.49 4.42
CA THR B 229 -9.45 2.78 4.81
C THR B 229 -10.55 3.85 4.78
N LEU B 230 -11.76 3.54 4.31
CA LEU B 230 -12.85 4.54 4.26
C LEU B 230 -13.96 4.11 5.20
N GLN B 231 -14.78 5.07 5.56
CA GLN B 231 -16.01 4.86 6.36
C GLN B 231 -17.01 5.95 5.96
N GLU B 232 -18.29 5.61 5.90
CA GLU B 232 -19.35 6.62 5.72
C GLU B 232 -19.65 7.21 7.08
N VAL B 233 -19.83 8.51 7.14
CA VAL B 233 -20.35 9.16 8.37
C VAL B 233 -21.69 9.83 8.04
N ARG B 234 -22.68 9.55 8.88
CA ARG B 234 -23.98 10.24 8.83
C ARG B 234 -24.15 11.08 10.11
N VAL B 235 -24.59 12.32 9.94
CA VAL B 235 -24.95 13.28 10.99
C VAL B 235 -26.47 13.44 10.98
N VAL B 236 -27.08 13.44 12.15
CA VAL B 236 -28.51 13.78 12.34
C VAL B 236 -28.60 14.99 13.30
N LEU B 237 -29.50 15.93 13.04
CA LEU B 237 -29.70 17.14 13.91
C LEU B 237 -30.69 16.84 15.03
N GLU B 238 -30.34 17.20 16.27
CA GLU B 238 -31.25 17.11 17.44
C GLU B 238 -32.14 18.36 17.45
N ASP B 239 -33.40 18.22 17.89
CA ASP B 239 -34.42 19.29 17.84
C ASP B 239 -34.11 20.34 18.91
N ILE B 240 -34.22 21.59 18.53
CA ILE B 240 -34.26 22.75 19.46
C ILE B 240 -35.65 23.37 19.33
N ASN B 241 -36.27 23.81 20.42
CA ASN B 241 -37.55 24.58 20.39
C ASN B 241 -37.31 25.88 19.59
N ASP B 242 -37.76 25.94 18.33
CA ASP B 242 -37.63 27.13 17.44
C ASP B 242 -38.93 27.32 16.67
CA CA C . 9.05 -32.87 2.93
CA CA D . -3.05 4.91 -10.94
CA CA E . -4.30 4.51 -14.63
CA CA F . -7.29 9.13 -18.34
CA CA G . 3.67 44.19 -42.35
CA CA H . -0.54 44.26 -42.67
K K I . 3.55 28.81 -37.07
CL CL J . 8.34 38.59 -37.36
CA CA K . 27.60 -35.88 30.25
CA CA L . 4.12 -4.18 12.44
CA CA M . 1.41 1.52 10.50
CA CA N . 32.09 -38.94 34.20
CA CA O . 3.79 -7.70 10.50
CA CA P . -34.95 24.91 13.15
CA CA Q . -36.80 22.60 16.13
CA CA R . 5.59 0.28 5.49
K K S . -23.25 14.44 1.29
K K T . 30.48 -33.76 38.55
K K U . 21.43 -17.98 8.38
#